data_2J38
#
_entry.id   2J38
#
_cell.length_a   56.794
_cell.length_b   72.731
_cell.length_c   79.895
_cell.angle_alpha   90.00
_cell.angle_beta   90.00
_cell.angle_gamma   90.00
#
_symmetry.space_group_name_H-M   'P 21 21 21'
#
loop_
_entity.id
_entity.type
_entity.pdbx_description
1 polymer 'ACTIVATED FACTOR XA HEAVY CHAIN'
2 polymer 'FACTOR X LIGHT CHAIN'
3 non-polymer 5-CHLORO-N-{(3S)-1-[(1S)-1-METHYL-2-MORPHOLIN-4-YL-2-OXOETHYL]-2-OXOPYRROLIDIN-3-YL}-1-BENZOTHIOPHENE-2-SULFONAMIDE
4 non-polymer 'CALCIUM ION'
5 water water
#
loop_
_entity_poly.entity_id
_entity_poly.type
_entity_poly.pdbx_seq_one_letter_code
_entity_poly.pdbx_strand_id
1 'polypeptide(L)'
;IVGGQECKDGECPWQALLINEENEGFCGGTILSEFYILTAAHCLYQAKRFKVRVGDRNTEQEEGGEAVHEVEVVIKHNRF
TKETYDFDIAVLRLKTPITFRMNVAPACLPERDWAESTLMTQKTGIVSGFGRTHEKGRQSTRLKMLEVPYVDRNSCKLSS
SFIITQNMFCAGYDTKQEDACQGDSGGPHVTRFKDTYFVTGIVSWGEGCARKGKYGIYTKVTAFLKWIDRSMKTRGLPKA
KSHAPEVITSSPLK
;
A
2 'polypeptide(L)'
;EEMKKGHLERECMEETCSYEEAREVFEDSDKTNEFWNKYKDGDQCETSPCQNQGKCKDGLGEYTCTCLEGFEGKNCELFT
RKLCSLDNGDCDQFCHEEQNSVVCSCARGYTLADNGKACIPTGPYPCGKQTLER
;
B
#
# COMPACT_ATOMS: atom_id res chain seq x y z
N ILE A 1 1.78 -13.60 -2.68
CA ILE A 1 2.50 -13.13 -3.91
C ILE A 1 2.99 -14.31 -4.74
N VAL A 2 2.52 -14.39 -5.99
CA VAL A 2 2.98 -15.39 -6.94
C VAL A 2 4.20 -14.78 -7.65
N GLY A 3 5.38 -15.39 -7.55
CA GLY A 3 6.56 -14.81 -8.22
C GLY A 3 7.35 -13.89 -7.28
N GLY A 4 7.88 -12.79 -7.79
CA GLY A 4 8.65 -11.84 -6.99
C GLY A 4 9.87 -12.36 -6.21
N GLN A 5 10.23 -11.65 -5.14
CA GLN A 5 11.38 -11.99 -4.30
C GLN A 5 11.02 -11.82 -2.82
N GLU A 6 11.92 -12.28 -1.94
CA GLU A 6 11.70 -12.04 -0.51
C GLU A 6 11.99 -10.59 -0.23
N CYS A 7 11.31 -10.01 0.75
CA CYS A 7 11.76 -8.71 1.24
C CYS A 7 13.02 -8.95 2.07
N LYS A 8 14.11 -8.28 1.69
CA LYS A 8 15.37 -8.35 2.41
C LYS A 8 15.27 -7.38 3.60
N ASP A 9 16.19 -7.51 4.55
CA ASP A 9 16.18 -6.73 5.79
C ASP A 9 15.98 -5.24 5.52
N GLY A 10 14.94 -4.65 6.11
CA GLY A 10 14.69 -3.22 5.99
C GLY A 10 13.95 -2.74 4.75
N GLU A 11 13.66 -3.64 3.82
CA GLU A 11 13.05 -3.27 2.54
C GLU A 11 11.55 -3.00 2.46
N CYS A 12 10.75 -3.69 3.28
CA CYS A 12 9.28 -3.48 3.24
C CYS A 12 8.80 -3.14 4.66
N PRO A 13 9.35 -2.08 5.29
CA PRO A 13 9.04 -1.77 6.67
C PRO A 13 7.59 -1.36 7.01
N TRP A 14 6.83 -0.95 6.00
CA TRP A 14 5.45 -0.51 6.18
C TRP A 14 4.38 -1.65 6.08
N GLN A 15 4.85 -2.91 5.96
CA GLN A 15 3.94 -4.08 5.95
C GLN A 15 3.32 -4.35 7.32
N ALA A 16 2.04 -4.67 7.33
CA ALA A 16 1.34 -5.05 8.55
C ALA A 16 0.58 -6.32 8.19
N LEU A 17 0.51 -7.25 9.15
CA LEU A 17 -0.24 -8.50 8.99
C LEU A 17 -1.39 -8.57 10.03
N LEU A 18 -2.59 -8.87 9.54
CA LEU A 18 -3.77 -8.98 10.40
C LEU A 18 -3.79 -10.43 10.82
N ILE A 19 -3.87 -10.66 12.13
CA ILE A 19 -3.80 -12.03 12.64
C ILE A 19 -5.03 -12.41 13.47
N ASN A 20 -5.55 -13.63 13.26
CA ASN A 20 -6.68 -14.15 14.04
C ASN A 20 -6.23 -14.79 15.36
N GLU A 21 -7.18 -15.47 16.01
CA GLU A 21 -7.00 -16.13 17.33
C GLU A 21 -5.86 -17.15 17.41
N GLU A 22 -5.61 -17.82 16.29
CA GLU A 22 -4.55 -18.83 16.16
C GLU A 22 -3.22 -18.20 15.76
N ASN A 23 -3.12 -16.88 15.89
CA ASN A 23 -1.91 -16.11 15.49
C ASN A 23 -1.61 -16.42 14.05
N GLU A 24 -2.67 -16.43 13.26
CA GLU A 24 -2.64 -16.80 11.87
C GLU A 24 -3.02 -15.64 10.93
N GLY A 25 -2.13 -15.33 9.97
CA GLY A 25 -2.38 -14.28 9.00
C GLY A 25 -3.50 -14.58 8.02
N PHE A 26 -4.39 -13.61 7.81
CA PHE A 26 -5.49 -13.75 6.83
C PHE A 26 -5.60 -12.55 5.88
N CYS A 27 -4.96 -11.44 6.25
CA CYS A 27 -4.95 -10.23 5.42
C CYS A 27 -3.74 -9.36 5.76
N GLY A 28 -3.36 -8.49 4.82
CA GLY A 28 -2.28 -7.53 5.04
C GLY A 28 -2.77 -6.16 5.42
N GLY A 29 -1.82 -5.24 5.58
CA GLY A 29 -2.11 -3.86 5.91
C GLY A 29 -0.90 -2.99 5.57
N THR A 30 -1.05 -1.67 5.64
CA THR A 30 -0.01 -0.70 5.44
C THR A 30 0.04 0.27 6.62
N ILE A 31 1.24 0.38 7.25
CA ILE A 31 1.48 1.28 8.36
C ILE A 31 1.48 2.71 7.84
N LEU A 32 0.57 3.55 8.36
CA LEU A 32 0.39 4.96 7.93
C LEU A 32 0.95 5.94 8.94
N SER A 33 1.01 5.52 10.20
CA SER A 33 1.55 6.33 11.31
C SER A 33 1.60 5.47 12.59
N GLU A 34 2.10 6.01 13.71
CA GLU A 34 2.21 5.26 14.96
C GLU A 34 0.89 4.68 15.49
N PHE A 35 -0.25 5.28 15.10
CA PHE A 35 -1.58 4.79 15.46
C PHE A 35 -2.40 4.23 14.31
N TYR A 36 -2.01 4.43 13.04
CA TYR A 36 -2.92 3.95 11.97
C TYR A 36 -2.43 2.94 10.92
N ILE A 37 -3.30 1.98 10.66
CA ILE A 37 -3.13 0.93 9.69
C ILE A 37 -4.23 1.07 8.61
N LEU A 38 -3.80 0.95 7.38
CA LEU A 38 -4.70 0.93 6.26
C LEU A 38 -4.89 -0.50 5.79
N THR A 39 -6.14 -0.89 5.57
CA THR A 39 -6.44 -2.23 5.07
C THR A 39 -7.69 -2.24 4.10
N ALA A 40 -8.13 -3.43 3.68
CA ALA A 40 -9.29 -3.54 2.80
C ALA A 40 -10.51 -3.80 3.67
N ALA A 41 -11.60 -3.11 3.36
CA ALA A 41 -12.85 -3.25 4.10
C ALA A 41 -13.34 -4.70 4.15
N HIS A 42 -13.17 -5.42 3.03
CA HIS A 42 -13.60 -6.80 2.90
C HIS A 42 -12.80 -7.71 3.80
N CYS A 43 -11.74 -7.21 4.44
CA CYS A 43 -10.96 -8.07 5.32
C CYS A 43 -11.62 -8.26 6.66
N LEU A 44 -12.48 -7.31 7.03
CA LEU A 44 -13.18 -7.28 8.32
C LEU A 44 -14.30 -8.31 8.46
N TYR A 45 -14.66 -8.94 7.36
CA TYR A 45 -15.67 -9.98 7.37
C TYR A 45 -14.92 -11.32 7.22
N GLN A 46 -13.75 -11.44 7.85
CA GLN A 46 -12.92 -12.68 7.75
C GLN A 46 -12.34 -13.21 9.08
N ALA A 47 -12.72 -12.61 10.19
CA ALA A 47 -12.29 -13.08 11.51
C ALA A 47 -13.07 -12.33 12.60
N LYS A 48 -13.64 -13.13 13.51
CA LYS A 48 -14.45 -12.63 14.61
C LYS A 48 -13.64 -11.62 15.43
N ARG A 49 -12.37 -11.90 15.66
CA ARG A 49 -11.54 -11.01 16.45
C ARG A 49 -10.08 -11.13 16.00
N PHE A 50 -9.42 -9.98 15.81
CA PHE A 50 -8.04 -9.96 15.31
C PHE A 50 -7.14 -8.87 15.93
N LYS A 51 -5.84 -9.07 15.73
CA LYS A 51 -4.78 -8.15 16.14
C LYS A 51 -3.92 -7.79 14.93
N VAL A 52 -3.05 -6.80 15.12
CA VAL A 52 -2.12 -6.40 14.05
C VAL A 52 -0.64 -6.70 14.41
N ARG A 53 0.07 -7.39 13.51
CA ARG A 53 1.49 -7.66 13.65
C ARG A 53 2.39 -6.88 12.64
N VAL A 54 3.45 -6.27 13.16
CA VAL A 54 4.38 -5.52 12.35
C VAL A 54 5.79 -6.02 12.64
N GLY A 55 6.75 -5.61 11.83
CA GLY A 55 8.17 -5.95 12.04
C GLY A 55 8.58 -7.40 11.79
N ASP A 56 7.77 -8.15 11.06
CA ASP A 56 8.02 -9.57 10.86
C ASP A 56 8.35 -9.88 9.39
N ARG A 57 9.35 -10.71 9.17
CA ARG A 57 9.71 -11.15 7.81
C ARG A 57 9.59 -12.66 7.60
N ASN A 58 9.78 -13.43 8.69
CA ASN A 58 9.69 -14.89 8.67
C ASN A 58 8.79 -15.31 9.83
N THR A 59 7.60 -15.83 9.54
CA THR A 59 6.69 -16.22 10.62
C THR A 59 7.16 -17.46 11.43
N GLU A 60 8.22 -18.14 10.97
CA GLU A 60 8.74 -19.36 11.65
C GLU A 60 9.93 -19.18 12.63
N GLN A 61 10.16 -17.95 13.07
CA GLN A 61 11.22 -17.65 14.05
C GLN A 61 11.18 -16.20 14.54
N GLU A 62 11.97 -15.90 15.57
CA GLU A 62 12.03 -14.55 16.14
C GLU A 62 13.28 -13.80 15.69
N GLU A 63 13.11 -12.74 14.90
CA GLU A 63 14.25 -11.93 14.49
C GLU A 63 14.40 -10.72 15.43
N GLY A 64 13.50 -10.62 16.41
CA GLY A 64 13.55 -9.60 17.45
C GLY A 64 12.90 -8.25 17.19
N GLY A 65 12.43 -8.00 15.97
CA GLY A 65 11.79 -6.73 15.66
C GLY A 65 10.28 -6.77 15.66
N GLU A 66 9.72 -7.95 15.92
CA GLU A 66 8.27 -8.18 15.92
C GLU A 66 7.48 -7.46 17.01
N ALA A 67 6.28 -7.02 16.66
CA ALA A 67 5.42 -6.29 17.61
C ALA A 67 3.97 -6.53 17.23
N VAL A 68 3.17 -6.95 18.22
CA VAL A 68 1.73 -7.18 18.07
C VAL A 68 0.96 -6.02 18.74
N HIS A 69 -0.10 -5.55 18.07
CA HIS A 69 -0.93 -4.43 18.54
C HIS A 69 -2.44 -4.75 18.51
N GLU A 70 -3.12 -4.34 19.57
CA GLU A 70 -4.57 -4.49 19.66
C GLU A 70 -5.20 -3.31 18.94
N VAL A 71 -6.37 -3.53 18.33
CA VAL A 71 -7.12 -2.49 17.64
C VAL A 71 -8.17 -1.84 18.59
N GLU A 72 -8.20 -0.52 18.64
CA GLU A 72 -9.14 0.21 19.47
C GLU A 72 -10.43 0.51 18.72
N VAL A 73 -10.31 0.98 17.48
CA VAL A 73 -11.44 1.40 16.63
C VAL A 73 -11.21 0.88 15.20
N VAL A 74 -12.26 0.31 14.59
CA VAL A 74 -12.23 -0.09 13.18
C VAL A 74 -13.06 0.95 12.43
N ILE A 75 -12.45 1.57 11.41
CA ILE A 75 -13.16 2.58 10.59
C ILE A 75 -13.33 2.06 9.14
N LYS A 76 -14.53 1.55 8.88
CA LYS A 76 -14.88 0.94 7.60
C LYS A 76 -15.58 1.98 6.67
N HIS A 77 -15.27 2.02 5.37
CA HIS A 77 -16.00 2.98 4.52
C HIS A 77 -17.50 2.64 4.54
N ASN A 78 -18.38 3.62 4.77
CA ASN A 78 -19.83 3.31 4.82
C ASN A 78 -20.46 2.94 3.49
N ARG A 79 -19.81 3.31 2.38
CA ARG A 79 -20.34 2.94 1.08
C ARG A 79 -19.81 1.62 0.51
N PHE A 80 -19.10 0.83 1.34
CA PHE A 80 -18.53 -0.45 0.89
C PHE A 80 -19.63 -1.45 0.60
N THR A 81 -19.52 -2.15 -0.54
CA THR A 81 -20.47 -3.20 -1.01
C THR A 81 -19.81 -4.53 -1.39
N LYS A 82 -20.23 -5.59 -0.68
CA LYS A 82 -19.76 -6.98 -0.83
C LYS A 82 -19.91 -7.49 -2.23
N GLU A 83 -20.88 -6.94 -2.95
CA GLU A 83 -21.28 -7.44 -4.25
C GLU A 83 -20.34 -7.11 -5.41
N THR A 84 -19.62 -6.00 -5.28
CA THR A 84 -18.66 -5.57 -6.29
C THR A 84 -17.27 -5.23 -5.73
N TYR A 85 -17.17 -5.14 -4.38
CA TYR A 85 -15.96 -4.67 -3.66
C TYR A 85 -15.66 -3.18 -3.89
N ASP A 86 -16.69 -2.40 -4.22
CA ASP A 86 -16.57 -0.96 -4.44
C ASP A 86 -16.35 -0.33 -3.07
N PHE A 87 -15.58 0.76 -3.01
CA PHE A 87 -15.22 1.37 -1.71
C PHE A 87 -14.63 0.34 -0.74
N ASP A 88 -13.66 -0.44 -1.23
CA ASP A 88 -13.01 -1.48 -0.40
C ASP A 88 -11.81 -0.88 0.35
N ILE A 89 -12.10 -0.22 1.46
CA ILE A 89 -11.10 0.51 2.24
C ILE A 89 -11.51 0.68 3.70
N ALA A 90 -10.53 0.51 4.61
CA ALA A 90 -10.73 0.71 6.06
C ALA A 90 -9.42 1.13 6.70
N VAL A 91 -9.53 1.89 7.79
CA VAL A 91 -8.40 2.32 8.58
C VAL A 91 -8.63 1.74 9.98
N LEU A 92 -7.54 1.38 10.67
CA LEU A 92 -7.63 0.83 12.02
C LEU A 92 -6.89 1.74 12.99
N ARG A 93 -7.53 2.16 14.07
CA ARG A 93 -6.79 2.90 15.14
C ARG A 93 -6.29 1.91 16.20
N LEU A 94 -5.00 1.98 16.53
CA LEU A 94 -4.44 1.02 17.48
C LEU A 94 -4.48 1.51 18.93
N LYS A 95 -4.67 0.57 19.85
CA LYS A 95 -4.67 0.88 21.29
C LYS A 95 -3.34 1.47 21.76
N THR A 96 -2.22 0.94 21.29
CA THR A 96 -0.88 1.44 21.65
C THR A 96 -0.12 1.90 20.40
N PRO A 97 0.78 2.91 20.53
CA PRO A 97 1.48 3.42 19.33
C PRO A 97 2.64 2.53 18.86
N ILE A 98 2.83 2.45 17.54
CA ILE A 98 3.91 1.62 16.95
C ILE A 98 5.22 2.35 17.21
N THR A 99 6.23 1.63 17.68
CA THR A 99 7.58 2.18 17.91
C THR A 99 8.45 1.83 16.70
N PHE A 100 8.76 2.84 15.89
CA PHE A 100 9.50 2.62 14.65
C PHE A 100 10.96 2.16 14.91
N ARG A 101 11.49 1.34 14.01
CA ARG A 101 12.85 0.72 14.13
C ARG A 101 13.13 -0.01 12.84
N MET A 102 14.23 -0.77 12.78
CA MET A 102 14.53 -1.60 11.61
C MET A 102 13.33 -2.46 11.28
N ASN A 103 12.93 -2.50 10.01
CA ASN A 103 11.75 -3.25 9.61
C ASN A 103 10.40 -2.72 10.10
N VAL A 104 10.33 -1.50 10.66
CA VAL A 104 9.04 -0.95 11.14
C VAL A 104 9.04 0.55 10.89
N ALA A 105 8.25 0.99 9.92
CA ALA A 105 8.20 2.41 9.52
C ALA A 105 6.99 2.65 8.60
N PRO A 106 6.51 3.90 8.52
CA PRO A 106 5.35 4.16 7.67
C PRO A 106 5.68 4.47 6.21
N ALA A 107 4.70 4.24 5.34
CA ALA A 107 4.75 4.64 3.94
C ALA A 107 4.14 6.04 3.90
N CYS A 108 4.49 6.82 2.87
CA CYS A 108 3.95 8.19 2.80
C CYS A 108 2.67 8.27 2.02
N LEU A 109 1.76 9.15 2.49
CA LEU A 109 0.56 9.47 1.76
C LEU A 109 0.91 10.58 0.76
N PRO A 110 0.52 10.41 -0.52
CA PRO A 110 0.78 11.43 -1.55
C PRO A 110 -0.40 12.41 -1.60
N GLU A 111 -0.30 13.48 -2.40
CA GLU A 111 -1.43 14.35 -2.66
C GLU A 111 -2.06 13.83 -3.94
N ARG A 112 -3.37 13.93 -4.06
CA ARG A 112 -4.08 13.32 -5.19
C ARG A 112 -3.62 13.68 -6.62
N ASP A 113 -3.58 14.97 -6.96
CA ASP A 113 -3.25 15.31 -8.36
C ASP A 113 -1.85 14.91 -8.76
N TRP A 114 -0.89 15.11 -7.86
CA TRP A 114 0.49 14.74 -8.16
C TRP A 114 0.65 13.24 -8.28
N ALA A 115 0.03 12.48 -7.37
CA ALA A 115 0.10 11.00 -7.47
C ALA A 115 -0.48 10.45 -8.80
N GLU A 116 -1.68 10.93 -9.17
CA GLU A 116 -2.37 10.49 -10.39
C GLU A 116 -1.61 10.84 -11.68
N SER A 117 -1.06 12.05 -11.77
CA SER A 117 -0.27 12.41 -12.95
C SER A 117 1.21 11.92 -12.90
N THR A 118 1.80 11.80 -11.71
CA THR A 118 3.23 11.43 -11.68
C THR A 118 3.58 10.03 -11.19
N LEU A 119 2.90 9.56 -10.15
CA LEU A 119 3.14 8.19 -9.62
C LEU A 119 2.46 7.12 -10.49
N MET A 120 1.18 7.32 -10.75
CA MET A 120 0.39 6.35 -11.49
C MET A 120 0.72 6.24 -12.96
N THR A 121 1.51 7.18 -13.48
CA THR A 121 2.02 7.10 -14.84
C THR A 121 3.43 6.48 -14.88
N GLN A 122 3.99 6.14 -13.70
CA GLN A 122 5.27 5.40 -13.63
C GLN A 122 5.04 4.00 -14.24
N LYS A 123 6.09 3.34 -14.69
CA LYS A 123 5.99 2.00 -15.27
C LYS A 123 5.37 0.98 -14.31
N THR A 124 5.87 0.96 -13.06
CA THR A 124 5.40 -0.04 -12.11
C THR A 124 5.10 0.43 -10.69
N GLY A 125 4.32 -0.41 -9.99
CA GLY A 125 4.06 -0.29 -8.56
C GLY A 125 4.66 -1.51 -7.85
N ILE A 126 4.63 -1.51 -6.51
CA ILE A 126 5.16 -2.65 -5.78
C ILE A 126 4.12 -3.11 -4.76
N VAL A 127 3.75 -4.38 -4.87
CA VAL A 127 2.82 -5.04 -3.97
C VAL A 127 3.65 -6.04 -3.17
N SER A 128 3.24 -6.33 -1.94
CA SER A 128 3.98 -7.24 -1.04
C SER A 128 3.01 -7.97 -0.08
N GLY A 129 3.48 -9.04 0.58
CA GLY A 129 2.63 -9.81 1.48
C GLY A 129 3.03 -11.24 1.83
N PHE A 130 2.28 -11.84 2.77
CA PHE A 130 2.48 -13.24 3.17
C PHE A 130 1.43 -14.19 2.55
N GLY A 131 0.76 -13.79 1.48
CA GLY A 131 -0.27 -14.62 0.86
C GLY A 131 0.28 -15.81 0.08
N ARG A 132 -0.64 -16.61 -0.47
CA ARG A 132 -0.29 -17.80 -1.25
C ARG A 132 0.75 -17.51 -2.32
N THR A 133 1.61 -18.50 -2.48
CA THR A 133 2.75 -18.53 -3.37
C THR A 133 2.35 -18.97 -4.83
N HIS A 134 1.19 -19.61 -4.92
CA HIS A 134 0.53 -20.00 -6.17
C HIS A 134 -0.93 -20.30 -5.84
N GLU A 135 -1.79 -20.15 -6.84
CA GLU A 135 -3.24 -20.25 -6.67
C GLU A 135 -3.68 -21.33 -5.67
N LYS A 136 -3.07 -22.49 -5.77
CA LYS A 136 -3.44 -23.64 -4.94
C LYS A 136 -2.51 -23.98 -3.76
N GLY A 137 -1.47 -23.15 -3.56
CA GLY A 137 -0.48 -23.40 -2.52
C GLY A 137 -0.90 -22.97 -1.14
N ARG A 138 0.01 -23.12 -0.17
CA ARG A 138 -0.19 -22.57 1.16
C ARG A 138 0.29 -21.11 1.18
N GLN A 139 -0.02 -20.41 2.26
CA GLN A 139 0.52 -19.08 2.42
C GLN A 139 2.03 -19.14 2.65
N SER A 140 2.70 -18.04 2.33
CA SER A 140 4.16 -17.89 2.52
C SER A 140 4.53 -17.70 4.01
N THR A 141 5.63 -18.31 4.43
CA THR A 141 6.13 -18.06 5.78
C THR A 141 7.13 -16.89 5.69
N ARG A 142 7.46 -16.51 4.45
CA ARG A 142 8.38 -15.41 4.19
C ARG A 142 7.64 -14.25 3.55
N LEU A 143 7.90 -13.05 4.03
CA LEU A 143 7.30 -11.86 3.42
C LEU A 143 7.92 -11.64 2.03
N LYS A 144 7.07 -11.45 1.02
CA LYS A 144 7.51 -11.24 -0.36
C LYS A 144 7.03 -9.90 -0.94
N MET A 145 7.75 -9.42 -1.96
CA MET A 145 7.43 -8.19 -2.66
C MET A 145 7.51 -8.49 -4.16
N LEU A 146 6.68 -7.81 -4.95
CA LEU A 146 6.64 -8.00 -6.39
C LEU A 146 6.40 -6.69 -7.12
N GLU A 147 7.17 -6.46 -8.19
CA GLU A 147 7.06 -5.28 -9.05
C GLU A 147 5.97 -5.51 -10.12
N VAL A 148 4.91 -4.72 -10.06
CA VAL A 148 3.77 -4.88 -10.99
C VAL A 148 3.50 -3.67 -11.84
N PRO A 149 3.56 -3.84 -13.18
CA PRO A 149 3.30 -2.74 -14.12
C PRO A 149 1.91 -2.21 -13.97
N TYR A 150 1.72 -0.91 -14.18
CA TYR A 150 0.37 -0.33 -14.20
C TYR A 150 -0.33 -0.79 -15.49
N VAL A 151 -1.58 -1.21 -15.40
CA VAL A 151 -2.25 -1.69 -16.58
C VAL A 151 -3.29 -0.75 -17.15
N ASP A 152 -3.13 -0.43 -18.42
CA ASP A 152 -4.12 0.39 -19.13
C ASP A 152 -5.55 0.09 -18.65
N ARG A 153 -6.27 1.14 -18.28
CA ARG A 153 -7.66 1.07 -17.77
C ARG A 153 -8.63 0.36 -18.73
N ASN A 154 -8.47 0.65 -20.03
CA ASN A 154 -9.31 0.08 -21.07
C ASN A 154 -9.15 -1.43 -21.24
N SER A 155 -7.92 -1.92 -21.27
CA SER A 155 -7.64 -3.34 -21.40
C SER A 155 -8.16 -4.05 -20.16
N CYS A 156 -7.91 -3.46 -19.01
CA CYS A 156 -8.33 -4.09 -17.80
C CYS A 156 -9.82 -4.37 -17.80
N LYS A 157 -10.60 -3.43 -18.34
CA LYS A 157 -12.07 -3.58 -18.35
C LYS A 157 -12.51 -4.68 -19.31
N LEU A 158 -11.84 -4.74 -20.46
CA LEU A 158 -12.10 -5.78 -21.45
C LEU A 158 -11.87 -7.19 -20.85
N SER A 159 -10.74 -7.32 -20.17
CA SER A 159 -10.34 -8.58 -19.53
C SER A 159 -11.18 -9.03 -18.37
N SER A 160 -11.96 -8.14 -17.78
CA SER A 160 -12.66 -8.49 -16.56
C SER A 160 -14.12 -8.94 -16.69
N SER A 161 -14.44 -10.03 -15.99
CA SER A 161 -15.80 -10.63 -15.89
C SER A 161 -16.62 -9.92 -14.82
N PHE A 162 -15.95 -9.05 -14.06
CA PHE A 162 -16.61 -8.32 -12.99
C PHE A 162 -16.34 -6.83 -13.19
N ILE A 163 -17.25 -6.01 -12.68
CA ILE A 163 -17.19 -4.57 -12.83
C ILE A 163 -15.95 -3.83 -12.22
N ILE A 164 -15.32 -2.96 -13.01
CA ILE A 164 -14.20 -2.13 -12.56
C ILE A 164 -14.72 -0.69 -12.37
N THR A 165 -14.98 -0.31 -11.12
CA THR A 165 -15.49 1.01 -10.79
C THR A 165 -14.41 2.08 -10.85
N GLN A 166 -14.84 3.35 -10.72
CA GLN A 166 -13.94 4.50 -10.74
C GLN A 166 -13.00 4.47 -9.52
N ASN A 167 -13.35 3.61 -8.53
CA ASN A 167 -12.62 3.44 -7.27
C ASN A 167 -11.62 2.27 -7.29
N MET A 168 -11.29 1.79 -8.48
CA MET A 168 -10.38 0.65 -8.61
C MET A 168 -9.37 0.88 -9.74
N PHE A 169 -8.26 0.15 -9.73
CA PHE A 169 -7.31 0.15 -10.85
C PHE A 169 -6.69 -1.22 -11.04
N CYS A 170 -5.98 -1.40 -12.14
CA CYS A 170 -5.38 -2.70 -12.48
C CYS A 170 -3.86 -2.70 -12.62
N ALA A 171 -3.27 -3.79 -12.17
CA ALA A 171 -1.83 -3.94 -12.25
C ALA A 171 -1.52 -5.42 -12.26
N GLY A 172 -0.37 -5.73 -12.81
CA GLY A 172 0.02 -7.12 -12.93
C GLY A 172 0.40 -7.40 -14.38
N TYR A 173 0.31 -8.67 -14.77
CA TYR A 173 0.72 -9.15 -16.10
C TYR A 173 -0.36 -9.89 -16.84
N ASP A 174 -0.38 -9.71 -18.17
CA ASP A 174 -1.31 -10.43 -19.02
C ASP A 174 -1.09 -11.96 -18.88
N THR A 175 0.13 -12.43 -19.16
CA THR A 175 0.45 -13.86 -19.13
C THR A 175 1.55 -14.30 -18.14
N LYS A 176 2.58 -13.49 -17.93
CA LYS A 176 3.72 -13.86 -17.02
C LYS A 176 3.25 -14.39 -15.65
N GLN A 177 3.94 -15.36 -15.07
CA GLN A 177 3.46 -15.90 -13.78
C GLN A 177 3.94 -15.21 -12.50
N GLU A 178 3.37 -14.02 -12.32
CA GLU A 178 3.62 -13.14 -11.19
C GLU A 178 2.35 -12.32 -10.96
N ASP A 179 1.88 -12.32 -9.71
CA ASP A 179 0.64 -11.63 -9.27
C ASP A 179 0.56 -11.60 -7.72
N ALA A 180 -0.39 -10.84 -7.18
CA ALA A 180 -0.71 -10.91 -5.77
C ALA A 180 -1.58 -12.15 -5.70
N CYS A 181 -1.99 -12.56 -4.50
CA CYS A 181 -2.77 -13.79 -4.36
C CYS A 181 -3.59 -13.84 -3.04
N GLN A 182 -4.28 -14.95 -2.79
CA GLN A 182 -5.07 -15.11 -1.55
C GLN A 182 -4.20 -14.90 -0.30
N GLY A 183 -4.67 -14.09 0.64
CA GLY A 183 -3.94 -13.76 1.88
C GLY A 183 -3.17 -12.44 1.84
N ASP A 184 -2.85 -11.97 0.63
CA ASP A 184 -2.17 -10.68 0.42
C ASP A 184 -3.18 -9.52 0.52
N SER A 185 -4.46 -9.85 0.50
CA SER A 185 -5.55 -8.84 0.55
C SER A 185 -5.41 -7.82 1.67
N GLY A 186 -5.77 -6.56 1.40
CA GLY A 186 -5.65 -5.45 2.36
C GLY A 186 -4.22 -4.92 2.48
N GLY A 187 -3.32 -5.54 1.72
CA GLY A 187 -1.91 -5.22 1.74
C GLY A 187 -1.48 -4.01 0.91
N PRO A 188 -0.21 -3.60 1.06
CA PRO A 188 0.28 -2.38 0.40
C PRO A 188 0.60 -2.46 -1.10
N HIS A 189 0.12 -1.45 -1.83
CA HIS A 189 0.56 -1.18 -3.20
C HIS A 189 1.21 0.19 -3.05
N VAL A 190 2.53 0.22 -3.19
CA VAL A 190 3.30 1.44 -3.08
C VAL A 190 4.07 1.74 -4.40
N THR A 191 4.38 3.01 -4.62
CA THR A 191 5.11 3.42 -5.81
C THR A 191 6.34 4.22 -5.38
N ARG A 192 7.46 3.90 -6.01
CA ARG A 192 8.69 4.56 -5.66
C ARG A 192 8.95 5.82 -6.48
N PHE A 193 9.36 6.90 -5.79
CA PHE A 193 9.77 8.16 -6.46
C PHE A 193 10.96 8.80 -5.74
N LYS A 194 12.12 8.79 -6.41
CA LYS A 194 13.40 9.31 -5.89
C LYS A 194 13.71 8.72 -4.50
N ASP A 195 13.69 7.38 -4.41
CA ASP A 195 14.04 6.64 -3.17
C ASP A 195 13.09 6.83 -1.99
N THR A 196 11.91 7.36 -2.29
CA THR A 196 10.84 7.55 -1.32
C THR A 196 9.64 6.76 -1.83
N TYR A 197 8.96 6.06 -0.93
CA TYR A 197 7.84 5.18 -1.27
C TYR A 197 6.50 5.72 -0.81
N PHE A 198 5.61 5.89 -1.77
CA PHE A 198 4.26 6.42 -1.53
C PHE A 198 3.14 5.40 -1.78
N VAL A 199 2.19 5.31 -0.85
CA VAL A 199 1.01 4.43 -1.00
C VAL A 199 0.16 4.81 -2.22
N THR A 200 -0.13 3.84 -3.11
CA THR A 200 -0.91 4.11 -4.32
C THR A 200 -2.10 3.16 -4.43
N GLY A 201 -2.07 2.09 -3.66
CA GLY A 201 -3.21 1.20 -3.67
C GLY A 201 -3.27 0.22 -2.51
N ILE A 202 -4.39 -0.49 -2.45
CA ILE A 202 -4.60 -1.55 -1.48
C ILE A 202 -5.01 -2.82 -2.26
N VAL A 203 -4.38 -3.95 -1.94
CA VAL A 203 -4.71 -5.26 -2.57
C VAL A 203 -6.23 -5.58 -2.36
N SER A 204 -6.98 -5.72 -3.44
CA SER A 204 -8.47 -5.85 -3.31
C SER A 204 -9.03 -7.18 -3.80
N TRP A 205 -8.86 -7.48 -5.08
CA TRP A 205 -9.41 -8.72 -5.63
C TRP A 205 -8.81 -9.16 -6.97
N GLY A 206 -9.15 -10.40 -7.35
CA GLY A 206 -8.66 -10.97 -8.62
C GLY A 206 -9.35 -12.27 -8.95
N GLU A 207 -9.37 -12.61 -10.25
CA GLU A 207 -10.00 -13.85 -10.74
C GLU A 207 -8.88 -14.88 -10.74
N GLY A 208 -8.74 -15.49 -9.57
CA GLY A 208 -7.62 -16.38 -9.29
C GLY A 208 -6.34 -15.55 -9.11
N CYS A 209 -5.22 -16.20 -9.33
CA CYS A 209 -3.93 -15.59 -9.20
C CYS A 209 -3.20 -15.92 -10.46
N ALA A 210 -2.58 -14.90 -11.07
CA ALA A 210 -1.72 -15.01 -12.25
C ALA A 210 -2.27 -15.76 -13.48
N ARG A 211 -3.60 -15.87 -13.59
CA ARG A 211 -4.27 -16.53 -14.73
C ARG A 211 -4.04 -15.72 -15.98
N LYS A 212 -3.85 -16.43 -17.09
CA LYS A 212 -3.67 -15.79 -18.37
C LYS A 212 -4.91 -14.97 -18.71
N GLY A 213 -4.69 -13.73 -19.14
CA GLY A 213 -5.75 -12.83 -19.51
C GLY A 213 -6.43 -12.05 -18.39
N LYS A 214 -5.97 -12.23 -17.15
CA LYS A 214 -6.52 -11.54 -15.96
C LYS A 214 -5.48 -10.69 -15.20
N TYR A 215 -5.92 -9.54 -14.66
CA TYR A 215 -5.01 -8.67 -13.91
C TYR A 215 -5.41 -8.61 -12.42
N GLY A 216 -4.54 -8.00 -11.60
CA GLY A 216 -4.81 -7.78 -10.19
C GLY A 216 -5.58 -6.49 -10.01
N ILE A 217 -6.60 -6.49 -9.16
CA ILE A 217 -7.39 -5.29 -8.94
C ILE A 217 -7.16 -4.68 -7.52
N TYR A 218 -6.89 -3.38 -7.52
CA TYR A 218 -6.56 -2.63 -6.31
C TYR A 218 -7.44 -1.45 -6.13
N THR A 219 -7.68 -1.14 -4.86
CA THR A 219 -8.41 0.05 -4.44
C THR A 219 -7.58 1.30 -4.78
N LYS A 220 -8.22 2.24 -5.46
CA LYS A 220 -7.57 3.49 -5.88
C LYS A 220 -7.45 4.45 -4.69
N VAL A 221 -6.36 4.30 -3.94
CA VAL A 221 -6.11 5.14 -2.76
C VAL A 221 -6.22 6.66 -3.00
N THR A 222 -5.76 7.13 -4.16
CA THR A 222 -5.78 8.56 -4.48
C THR A 222 -7.19 9.18 -4.50
N ALA A 223 -8.23 8.35 -4.64
CA ALA A 223 -9.62 8.80 -4.66
C ALA A 223 -10.12 8.95 -3.24
N PHE A 224 -9.33 8.43 -2.29
CA PHE A 224 -9.68 8.35 -0.90
C PHE A 224 -8.82 9.17 0.06
N LEU A 225 -8.02 10.10 -0.46
CA LEU A 225 -7.14 10.87 0.40
C LEU A 225 -7.87 11.77 1.40
N LYS A 226 -8.98 12.37 1.00
CA LYS A 226 -9.69 13.19 1.97
C LYS A 226 -10.30 12.30 3.07
N TRP A 227 -10.93 11.20 2.67
CA TRP A 227 -11.52 10.21 3.59
C TRP A 227 -10.47 9.66 4.60
N ILE A 228 -9.26 9.40 4.11
CA ILE A 228 -8.20 8.90 5.00
C ILE A 228 -7.82 9.97 5.99
N ASP A 229 -7.71 11.22 5.51
CA ASP A 229 -7.36 12.32 6.40
C ASP A 229 -8.37 12.49 7.53
N ARG A 230 -9.66 12.44 7.20
CA ARG A 230 -10.72 12.53 8.19
C ARG A 230 -10.61 11.39 9.19
N SER A 231 -10.63 10.17 8.69
CA SER A 231 -10.52 9.01 9.58
C SER A 231 -9.30 9.07 10.55
N MET A 232 -8.17 9.55 10.07
CA MET A 232 -7.00 9.64 10.92
C MET A 232 -7.14 10.74 11.98
N LYS A 233 -8.18 11.54 11.91
CA LYS A 233 -8.35 12.60 12.92
C LYS A 233 -9.26 12.31 14.13
N THR A 234 -10.00 11.20 14.11
CA THR A 234 -10.81 10.78 15.27
C THR A 234 -10.71 9.26 15.53
N LYS B 82 6.92 20.93 -20.18
CA LYS B 82 6.97 22.24 -19.39
C LYS B 82 6.62 22.19 -17.87
N LEU B 83 7.33 22.99 -17.06
CA LEU B 83 7.09 23.11 -15.61
C LEU B 83 7.10 21.78 -14.81
N CYS B 84 5.97 21.42 -14.19
CA CYS B 84 5.87 20.14 -13.45
C CYS B 84 6.02 18.92 -14.37
N SER B 85 5.83 19.13 -15.68
CA SER B 85 5.97 18.06 -16.69
C SER B 85 7.38 17.92 -17.21
N LEU B 86 8.23 18.89 -16.89
CA LEU B 86 9.63 18.81 -17.27
C LEU B 86 10.30 18.36 -15.99
N ASP B 87 10.67 17.08 -16.00
CA ASP B 87 11.34 16.42 -14.89
C ASP B 87 10.82 16.75 -13.48
N ASN B 88 9.50 16.73 -13.29
CA ASN B 88 8.91 17.01 -11.98
C ASN B 88 9.13 18.42 -11.43
N GLY B 89 9.39 19.37 -12.32
CA GLY B 89 9.68 20.74 -11.87
C GLY B 89 10.97 20.83 -11.07
N ASP B 90 11.80 19.76 -11.10
CA ASP B 90 13.05 19.70 -10.29
C ASP B 90 12.75 19.48 -8.78
N CYS B 91 11.48 19.19 -8.43
CA CYS B 91 11.09 18.94 -7.03
C CYS B 91 11.51 17.53 -6.55
N ASP B 92 11.69 17.36 -5.24
CA ASP B 92 11.98 16.06 -4.67
C ASP B 92 10.64 15.30 -4.56
N GLN B 93 9.61 15.98 -4.09
CA GLN B 93 8.33 15.29 -3.93
C GLN B 93 7.22 15.94 -4.75
N PHE B 94 6.22 16.56 -4.10
CA PHE B 94 5.07 17.11 -4.81
C PHE B 94 5.41 18.34 -5.62
N CYS B 95 4.80 18.44 -6.79
CA CYS B 95 4.99 19.58 -7.66
C CYS B 95 3.62 20.15 -8.00
N HIS B 96 3.53 21.47 -8.00
CA HIS B 96 2.27 22.15 -8.31
C HIS B 96 2.52 23.43 -9.10
N GLU B 97 1.70 23.69 -10.11
CA GLU B 97 1.86 24.90 -10.94
C GLU B 97 0.93 26.01 -10.52
N GLU B 98 1.49 27.17 -10.19
CA GLU B 98 0.71 28.34 -9.84
C GLU B 98 1.12 29.53 -10.70
N GLN B 99 0.31 29.85 -11.69
CA GLN B 99 0.54 31.03 -12.55
C GLN B 99 1.92 30.99 -13.19
N ASN B 100 2.08 30.05 -14.12
CA ASN B 100 3.31 29.94 -14.87
C ASN B 100 4.57 29.76 -13.95
N SER B 101 4.41 29.04 -12.86
CA SER B 101 5.53 28.87 -11.92
C SER B 101 5.38 27.58 -11.08
N VAL B 102 6.49 26.84 -10.96
CA VAL B 102 6.55 25.61 -10.18
C VAL B 102 6.61 25.89 -8.68
N VAL B 103 5.75 25.21 -7.91
CA VAL B 103 5.78 25.26 -6.43
C VAL B 103 5.94 23.81 -5.88
N CYS B 104 7.04 23.57 -5.16
CA CYS B 104 7.35 22.26 -4.58
C CYS B 104 6.85 22.18 -3.15
N SER B 105 6.50 20.95 -2.73
CA SER B 105 6.12 20.64 -1.36
C SER B 105 6.53 19.18 -1.03
N CYS B 106 6.27 18.79 0.22
CA CYS B 106 6.73 17.54 0.79
C CYS B 106 5.66 16.88 1.66
N ALA B 107 5.75 15.56 1.83
CA ALA B 107 4.79 14.82 2.69
C ALA B 107 4.95 15.22 4.15
N ARG B 108 4.02 14.78 4.98
CA ARG B 108 4.10 15.13 6.41
C ARG B 108 5.32 14.44 7.01
N GLY B 109 6.01 15.17 7.88
CA GLY B 109 7.23 14.65 8.49
C GLY B 109 8.51 15.14 7.80
N TYR B 110 8.33 15.84 6.67
CA TYR B 110 9.43 16.46 5.89
C TYR B 110 9.20 17.97 5.82
N THR B 111 10.29 18.72 5.79
CA THR B 111 10.17 20.16 5.59
C THR B 111 10.95 20.51 4.34
N LEU B 112 10.45 21.50 3.63
CA LEU B 112 11.07 21.94 2.38
C LEU B 112 12.43 22.62 2.62
N ALA B 113 13.44 22.28 1.82
CA ALA B 113 14.80 22.84 2.00
C ALA B 113 14.93 24.28 1.59
N ASP B 114 16.03 24.91 2.00
CA ASP B 114 16.37 26.31 1.70
C ASP B 114 16.17 26.65 0.20
N ASN B 115 16.55 25.74 -0.67
CA ASN B 115 16.42 25.91 -2.11
C ASN B 115 14.99 25.72 -2.65
N GLY B 116 14.01 25.63 -1.74
CA GLY B 116 12.61 25.41 -2.12
C GLY B 116 12.31 24.19 -3.01
N LYS B 117 13.24 23.23 -3.08
CA LYS B 117 13.08 22.03 -3.92
C LYS B 117 13.22 20.66 -3.18
N ALA B 118 14.29 20.53 -2.39
CA ALA B 118 14.57 19.30 -1.64
C ALA B 118 13.64 19.19 -0.41
N CYS B 119 13.35 17.95 0.01
CA CYS B 119 12.54 17.62 1.19
C CYS B 119 13.44 17.01 2.28
N ILE B 120 13.47 17.63 3.45
CA ILE B 120 14.36 17.18 4.51
C ILE B 120 13.59 16.47 5.63
N PRO B 121 14.04 15.25 6.01
CA PRO B 121 13.33 14.54 7.08
C PRO B 121 13.51 15.29 8.40
N THR B 122 12.43 15.51 9.13
CA THR B 122 12.48 16.24 10.40
C THR B 122 12.89 15.40 11.62
N GLY B 123 12.50 14.13 11.64
CA GLY B 123 12.82 13.23 12.74
C GLY B 123 13.23 11.86 12.23
N PRO B 124 13.56 10.91 13.14
CA PRO B 124 13.99 9.57 12.67
C PRO B 124 12.79 8.74 12.17
N TYR B 125 13.09 7.75 11.32
CA TYR B 125 12.11 6.85 10.71
C TYR B 125 11.06 7.67 9.98
N PRO B 126 11.52 8.48 8.98
CA PRO B 126 10.51 9.26 8.25
C PRO B 126 9.76 8.39 7.21
N CYS B 127 8.51 8.75 6.88
CA CYS B 127 7.71 7.94 5.99
C CYS B 127 8.40 7.71 4.66
N GLY B 128 8.14 6.54 4.08
CA GLY B 128 8.59 6.26 2.71
C GLY B 128 10.01 5.82 2.53
N LYS B 129 10.73 5.71 3.62
CA LYS B 129 12.12 5.29 3.60
C LYS B 129 12.37 3.88 4.17
N GLN B 130 13.07 3.06 3.39
CA GLN B 130 13.48 1.74 3.82
C GLN B 130 14.50 1.94 4.98
N THR B 131 14.41 1.11 6.00
CA THR B 131 15.25 1.28 7.18
C THR B 131 16.66 0.67 7.02
N LEU B 132 17.68 1.37 7.53
CA LEU B 132 19.09 0.88 7.46
C LEU B 132 19.75 0.75 8.83
#